data_5EJY
#
_entry.id   5EJY
#
_cell.length_a   60.210
_cell.length_b   90.540
_cell.length_c   148.720
_cell.angle_alpha   90.000
_cell.angle_beta   90.000
_cell.angle_gamma   90.000
#
_symmetry.space_group_name_H-M   'P 21 21 21'
#
loop_
_entity.id
_entity.type
_entity.pdbx_description
1 polymer 'Myosin-I heavy chain'
2 non-polymer 'CHLORIDE ION'
3 non-polymer 'POLYETHYLENE GLYCOL (N=34)'
4 water water
#
_entity_poly.entity_id   1
_entity_poly.type   'polypeptide(L)'
_entity_poly.pdbx_seq_one_letter_code
;ELPQILNDEEISLYSFYDYANKNFNIEKLKQKDDIFSYQKSHIKSSLLVHSDAEQTKVAVEIFSKVLHYMNSNPLVSKKD
PADFYSPVKFILTKGLAIESLRDEIYCQLIKQSTSNPIQDLNIRVWELIHFTCSTFPPTRKLIKYFAAYLKTTIQQSDVS
KSVKDSAQASYFILQRFTLNGARKQVPSVTELESIKENRPIFVRITATDGSLKGLHIDSATTCQESSNDLSQRSRMRVNS
KENGFTIIESFNGIERDIAPTDKLCDVLSKVENLQATLSSIQVNFKFVFKKKLFFDNITNNVPTTSINVENEFYYHQLFN
DLFNSNYCKDQDYQISIGSLKLQFESSDYTDEIRAWLPGNGRGKYFTTDIEKNRFDDFINKYKSHKGLSPEDAKKQMVQL
LEKHPLANCSLVVCEHQSESLPYPKNFVLALNVNGINIYDPATSKMLESVKYSNQSQQNLKSDDKSVSIILENKSTLQAF
TGDVQKLVSLIKEYSLYLRN
;
_entity_poly.pdbx_strand_id   A
#
# COMPACT_ATOMS: atom_id res chain seq x y z
N GLU A 1 15.81 -0.77 -19.28
CA GLU A 1 14.37 -0.90 -19.16
C GLU A 1 13.95 -2.35 -18.88
N LEU A 2 12.64 -2.59 -18.81
CA LEU A 2 12.14 -3.91 -18.47
C LEU A 2 12.36 -4.94 -19.58
N PRO A 3 12.65 -6.19 -19.21
CA PRO A 3 12.82 -7.30 -20.16
C PRO A 3 11.54 -7.55 -20.96
N GLN A 4 11.69 -7.78 -22.25
CA GLN A 4 10.55 -8.08 -23.11
C GLN A 4 9.88 -9.38 -22.65
N ILE A 5 8.57 -9.45 -22.82
CA ILE A 5 7.84 -10.69 -22.56
C ILE A 5 8.09 -11.59 -23.76
N LEU A 6 8.26 -10.95 -24.91
CA LEU A 6 8.48 -11.65 -26.18
C LEU A 6 9.34 -10.78 -27.09
N ASN A 7 10.37 -11.37 -27.68
CA ASN A 7 11.18 -10.65 -28.68
C ASN A 7 10.42 -10.40 -29.98
N ASP A 8 10.76 -9.31 -30.68
CA ASP A 8 10.11 -9.02 -31.96
C ASP A 8 10.21 -10.23 -32.89
N GLU A 9 11.31 -10.97 -32.79
CA GLU A 9 11.60 -12.05 -33.73
C GLU A 9 10.75 -13.29 -33.45
N GLU A 10 10.13 -13.33 -32.27
CA GLU A 10 9.30 -14.47 -31.88
C GLU A 10 7.83 -14.17 -32.13
N ILE A 11 7.53 -12.94 -32.51
CA ILE A 11 6.16 -12.55 -32.77
C ILE A 11 5.52 -13.44 -33.83
N SER A 12 6.29 -13.79 -34.85
CA SER A 12 5.76 -14.58 -35.96
CA SER A 12 5.77 -14.58 -35.96
C SER A 12 5.57 -16.04 -35.58
N LEU A 13 6.29 -16.50 -34.56
CA LEU A 13 6.19 -17.89 -34.11
C LEU A 13 4.94 -18.19 -33.27
N TYR A 14 4.40 -17.16 -32.63
CA TYR A 14 3.27 -17.35 -31.74
C TYR A 14 2.02 -16.69 -32.31
N SER A 15 1.29 -17.45 -33.12
CA SER A 15 0.11 -16.93 -33.76
C SER A 15 -1.14 -17.43 -33.06
N PHE A 16 -2.02 -16.51 -32.66
CA PHE A 16 -3.25 -16.89 -31.96
C PHE A 16 -4.09 -17.86 -32.79
N TYR A 17 -3.96 -17.79 -34.12
CA TYR A 17 -4.63 -18.75 -34.99
C TYR A 17 -4.37 -20.17 -34.53
N ASP A 18 -3.10 -20.48 -34.25
CA ASP A 18 -2.73 -21.82 -33.87
C ASP A 18 -3.25 -22.15 -32.48
N TYR A 19 -3.15 -21.20 -31.55
CA TYR A 19 -3.63 -21.43 -30.19
C TYR A 19 -5.12 -21.72 -30.22
N ALA A 20 -5.87 -20.89 -30.94
CA ALA A 20 -7.32 -20.98 -30.99
C ALA A 20 -7.83 -22.26 -31.65
N ASN A 21 -7.21 -22.68 -32.75
CA ASN A 21 -7.60 -23.96 -33.36
C ASN A 21 -7.37 -25.14 -32.42
N LYS A 22 -6.27 -25.10 -31.66
CA LYS A 22 -5.95 -26.22 -30.78
C LYS A 22 -6.76 -26.23 -29.48
N ASN A 23 -7.17 -25.05 -29.02
CA ASN A 23 -7.78 -24.94 -27.69
C ASN A 23 -9.25 -24.53 -27.61
N PHE A 24 -9.78 -23.91 -28.65
CA PHE A 24 -11.17 -23.49 -28.60
C PHE A 24 -12.14 -24.66 -28.50
N ASN A 25 -13.31 -24.36 -27.93
CA ASN A 25 -14.37 -25.31 -27.62
C ASN A 25 -15.26 -25.41 -28.85
N ILE A 26 -14.65 -25.73 -29.99
CA ILE A 26 -15.28 -25.52 -31.30
C ILE A 26 -16.64 -26.18 -31.50
N GLU A 27 -16.74 -27.48 -31.20
CA GLU A 27 -17.98 -28.21 -31.36
C GLU A 27 -19.14 -27.51 -30.65
N LYS A 28 -18.96 -27.21 -29.37
CA LYS A 28 -20.03 -26.62 -28.56
C LYS A 28 -20.33 -25.16 -28.90
N LEU A 29 -19.42 -24.53 -29.64
CA LEU A 29 -19.58 -23.13 -30.02
C LEU A 29 -20.33 -22.94 -31.33
N LYS A 30 -20.70 -24.04 -31.98
CA LYS A 30 -21.27 -23.97 -33.32
C LYS A 30 -22.34 -22.87 -33.44
N GLN A 31 -22.15 -21.96 -34.37
CA GLN A 31 -23.04 -20.81 -34.51
C GLN A 31 -22.93 -20.18 -35.89
N LYS A 32 -23.74 -19.15 -36.12
CA LYS A 32 -23.74 -18.41 -37.38
C LYS A 32 -22.46 -17.57 -37.57
N ASP A 33 -22.22 -16.64 -36.65
CA ASP A 33 -21.03 -15.78 -36.74
C ASP A 33 -19.75 -16.60 -36.62
N ASP A 34 -18.63 -16.01 -37.03
CA ASP A 34 -17.31 -16.63 -36.84
C ASP A 34 -17.00 -16.68 -35.34
N ILE A 35 -16.50 -17.83 -34.90
CA ILE A 35 -16.22 -18.01 -33.48
C ILE A 35 -14.89 -17.35 -33.09
N PHE A 36 -14.03 -17.11 -34.08
CA PHE A 36 -12.68 -16.63 -33.79
C PHE A 36 -12.53 -15.10 -33.83
N SER A 37 -13.57 -14.40 -34.25
CA SER A 37 -13.48 -12.96 -34.36
C SER A 37 -14.71 -12.30 -33.77
N TYR A 38 -14.74 -10.97 -33.82
CA TYR A 38 -15.79 -10.18 -33.20
C TYR A 38 -17.20 -10.68 -33.50
N GLN A 39 -18.06 -10.72 -32.48
CA GLN A 39 -19.48 -10.94 -32.72
C GLN A 39 -20.34 -10.12 -31.76
N LYS A 40 -21.54 -9.77 -32.22
CA LYS A 40 -22.43 -8.94 -31.43
C LYS A 40 -23.34 -9.79 -30.54
N SER A 41 -23.51 -11.05 -30.90
CA SER A 41 -24.38 -11.94 -30.16
C SER A 41 -23.63 -12.70 -29.06
N HIS A 42 -24.37 -13.19 -28.06
CA HIS A 42 -23.78 -13.98 -26.98
C HIS A 42 -23.18 -15.26 -27.53
N ILE A 43 -22.08 -15.71 -26.90
CA ILE A 43 -21.52 -17.01 -27.25
C ILE A 43 -22.36 -18.10 -26.59
N LYS A 44 -22.48 -19.25 -27.25
CA LYS A 44 -23.40 -20.28 -26.80
C LYS A 44 -22.74 -21.25 -25.82
N SER A 45 -21.42 -21.10 -25.65
CA SER A 45 -20.68 -21.85 -24.65
C SER A 45 -19.40 -21.08 -24.36
N SER A 46 -18.55 -21.61 -23.48
CA SER A 46 -17.27 -20.98 -23.21
C SER A 46 -16.38 -21.07 -24.45
N LEU A 47 -15.44 -20.14 -24.62
CA LEU A 47 -14.45 -20.24 -25.70
C LEU A 47 -13.49 -21.39 -25.52
N LEU A 48 -13.04 -21.62 -24.30
CA LEU A 48 -12.11 -22.71 -24.02
C LEU A 48 -12.87 -23.84 -23.33
N VAL A 49 -12.19 -24.96 -23.14
CA VAL A 49 -12.85 -26.12 -22.55
C VAL A 49 -12.63 -26.15 -21.04
N HIS A 50 -13.72 -26.11 -20.29
CA HIS A 50 -13.63 -26.24 -18.83
C HIS A 50 -14.34 -27.52 -18.38
N SER A 51 -13.65 -28.36 -17.63
CA SER A 51 -14.26 -29.58 -17.10
C SER A 51 -15.25 -29.25 -15.99
N ASP A 52 -15.07 -28.08 -15.39
CA ASP A 52 -15.96 -27.61 -14.33
C ASP A 52 -17.16 -26.91 -14.98
N ALA A 53 -18.33 -27.52 -14.86
CA ALA A 53 -19.55 -27.00 -15.47
C ALA A 53 -19.87 -25.58 -15.03
N GLU A 54 -19.55 -25.25 -13.77
CA GLU A 54 -19.80 -23.91 -13.26
C GLU A 54 -18.92 -22.86 -13.94
N GLN A 55 -17.68 -23.23 -14.26
CA GLN A 55 -16.77 -22.30 -14.93
C GLN A 55 -17.19 -22.09 -16.38
N THR A 56 -17.77 -23.12 -16.98
CA THR A 56 -18.31 -22.97 -18.33
C THR A 56 -19.43 -21.94 -18.31
N LYS A 57 -20.33 -22.06 -17.32
CA LYS A 57 -21.44 -21.14 -17.20
C LYS A 57 -20.98 -19.71 -16.94
N VAL A 58 -19.99 -19.56 -16.07
CA VAL A 58 -19.44 -18.24 -15.77
C VAL A 58 -18.73 -17.62 -16.99
N ALA A 59 -18.05 -18.43 -17.78
CA ALA A 59 -17.37 -17.92 -18.97
C ALA A 59 -18.39 -17.29 -19.92
N VAL A 60 -19.54 -17.93 -20.07
CA VAL A 60 -20.62 -17.39 -20.87
C VAL A 60 -21.14 -16.08 -20.29
N GLU A 61 -21.27 -16.00 -18.97
CA GLU A 61 -21.70 -14.75 -18.33
C GLU A 61 -20.67 -13.64 -18.52
N ILE A 62 -19.39 -13.99 -18.42
CA ILE A 62 -18.32 -13.03 -18.63
C ILE A 62 -18.45 -12.39 -20.02
N PHE A 63 -18.74 -13.21 -21.02
CA PHE A 63 -18.88 -12.69 -22.37
C PHE A 63 -20.02 -11.68 -22.45
N SER A 64 -21.14 -12.00 -21.81
CA SER A 64 -22.23 -11.03 -21.73
C SER A 64 -21.78 -9.72 -21.06
N LYS A 65 -20.94 -9.81 -20.04
CA LYS A 65 -20.42 -8.60 -19.39
C LYS A 65 -19.51 -7.80 -20.32
N VAL A 66 -18.68 -8.51 -21.10
CA VAL A 66 -17.86 -7.87 -22.12
C VAL A 66 -18.74 -7.09 -23.11
N LEU A 67 -19.73 -7.77 -23.68
CA LEU A 67 -20.65 -7.12 -24.59
C LEU A 67 -21.28 -5.90 -23.94
N HIS A 68 -21.71 -6.06 -22.69
CA HIS A 68 -22.34 -4.95 -21.97
C HIS A 68 -21.43 -3.73 -21.84
N TYR A 69 -20.15 -3.96 -21.52
CA TYR A 69 -19.21 -2.85 -21.37
C TYR A 69 -18.93 -2.21 -22.73
N MET A 70 -18.77 -3.06 -23.74
CA MET A 70 -18.50 -2.57 -25.10
C MET A 70 -19.62 -1.67 -25.61
N ASN A 71 -20.84 -2.02 -25.25
CA ASN A 71 -22.04 -1.35 -25.77
C ASN A 71 -22.53 -0.20 -24.90
N SER A 72 -21.88 0.03 -23.77
CA SER A 72 -22.42 0.97 -22.79
C SER A 72 -22.16 2.43 -23.17
N ASN A 73 -23.07 3.30 -22.75
CA ASN A 73 -22.99 4.71 -23.07
C ASN A 73 -21.90 5.42 -22.27
N PRO A 74 -21.02 6.16 -22.97
CA PRO A 74 -19.95 6.94 -22.35
C PRO A 74 -20.44 7.86 -21.24
N LEU A 75 -21.74 8.15 -21.23
CA LEU A 75 -22.30 9.06 -20.23
C LEU A 75 -22.40 8.40 -18.85
N VAL A 76 -22.60 7.10 -18.83
CA VAL A 76 -22.71 6.39 -17.55
C VAL A 76 -21.41 6.49 -16.77
N SER A 77 -20.28 6.45 -17.48
CA SER A 77 -18.97 6.50 -16.85
C SER A 77 -18.81 7.75 -15.98
N LYS A 78 -19.48 8.82 -16.38
CA LYS A 78 -19.39 10.09 -15.67
C LYS A 78 -20.45 10.20 -14.57
N LYS A 79 -21.67 9.78 -14.91
CA LYS A 79 -22.80 9.95 -14.01
C LYS A 79 -22.88 8.89 -12.92
N ASP A 80 -22.43 7.67 -13.23
CA ASP A 80 -22.52 6.56 -12.29
C ASP A 80 -21.37 5.58 -12.47
N PRO A 81 -20.14 6.01 -12.15
CA PRO A 81 -18.93 5.20 -12.35
C PRO A 81 -19.07 3.79 -11.78
N ALA A 82 -19.78 3.66 -10.67
CA ALA A 82 -19.97 2.35 -10.05
C ALA A 82 -20.73 1.42 -10.99
N ASP A 83 -21.77 1.94 -11.62
CA ASP A 83 -22.57 1.17 -12.56
C ASP A 83 -21.76 0.88 -13.83
N PHE A 84 -21.10 1.92 -14.35
CA PHE A 84 -20.30 1.79 -15.55
C PHE A 84 -19.24 0.69 -15.46
N TYR A 85 -18.64 0.55 -14.29
CA TYR A 85 -17.56 -0.42 -14.10
C TYR A 85 -18.00 -1.77 -13.55
N SER A 86 -19.27 -1.88 -13.17
CA SER A 86 -19.77 -3.12 -12.61
C SER A 86 -19.51 -4.37 -13.47
N PRO A 87 -19.72 -4.29 -14.79
CA PRO A 87 -19.39 -5.49 -15.58
C PRO A 87 -17.88 -5.78 -15.56
N VAL A 88 -17.07 -4.74 -15.48
CA VAL A 88 -15.61 -4.91 -15.38
C VAL A 88 -15.22 -5.60 -14.07
N LYS A 89 -15.80 -5.14 -12.96
CA LYS A 89 -15.55 -5.73 -11.66
C LYS A 89 -15.90 -7.21 -11.64
N PHE A 90 -17.00 -7.55 -12.29
CA PHE A 90 -17.41 -8.95 -12.34
C PHE A 90 -16.34 -9.80 -13.03
N ILE A 91 -15.95 -9.38 -14.22
CA ILE A 91 -14.91 -10.05 -15.00
C ILE A 91 -13.61 -10.23 -14.22
N LEU A 92 -13.09 -9.13 -13.66
CA LEU A 92 -11.80 -9.15 -12.99
C LEU A 92 -11.84 -9.93 -11.68
N THR A 93 -12.97 -9.90 -10.99
CA THR A 93 -13.09 -10.64 -9.73
C THR A 93 -13.03 -12.14 -10.02
N LYS A 94 -13.73 -12.57 -11.07
CA LYS A 94 -13.72 -13.99 -11.40
C LYS A 94 -12.30 -14.42 -11.83
N GLY A 95 -11.68 -13.64 -12.71
CA GLY A 95 -10.37 -14.00 -13.23
C GLY A 95 -9.25 -13.96 -12.20
N LEU A 96 -9.31 -12.96 -11.31
CA LEU A 96 -8.26 -12.84 -10.30
C LEU A 96 -8.31 -14.04 -9.34
N ALA A 97 -9.51 -14.43 -8.95
CA ALA A 97 -9.71 -15.49 -7.97
C ALA A 97 -9.63 -16.92 -8.56
N ILE A 98 -9.95 -17.05 -9.84
CA ILE A 98 -10.05 -18.37 -10.48
C ILE A 98 -9.07 -18.44 -11.65
N GLU A 99 -7.89 -19.00 -11.39
CA GLU A 99 -6.81 -18.94 -12.37
C GLU A 99 -7.21 -19.62 -13.66
N SER A 100 -8.09 -20.59 -13.55
CA SER A 100 -8.46 -21.39 -14.72
C SER A 100 -9.49 -20.68 -15.62
N LEU A 101 -9.87 -19.46 -15.27
CA LEU A 101 -10.72 -18.66 -16.13
C LEU A 101 -9.94 -17.52 -16.81
N ARG A 102 -8.67 -17.37 -16.47
CA ARG A 102 -7.91 -16.22 -16.96
C ARG A 102 -7.73 -16.28 -18.46
N ASP A 103 -7.35 -17.46 -18.97
CA ASP A 103 -7.10 -17.56 -20.42
C ASP A 103 -8.39 -17.39 -21.20
N GLU A 104 -9.47 -17.94 -20.66
CA GLU A 104 -10.81 -17.71 -21.20
C GLU A 104 -11.08 -16.22 -21.43
N ILE A 105 -10.91 -15.43 -20.37
CA ILE A 105 -11.11 -13.99 -20.45
C ILE A 105 -10.24 -13.35 -21.51
N TYR A 106 -8.96 -13.68 -21.54
CA TYR A 106 -8.10 -13.05 -22.53
C TYR A 106 -8.50 -13.43 -23.96
N CYS A 107 -8.91 -14.67 -24.16
CA CYS A 107 -9.32 -15.12 -25.49
C CYS A 107 -10.56 -14.39 -25.95
N GLN A 108 -11.48 -14.14 -25.03
CA GLN A 108 -12.68 -13.36 -25.37
C GLN A 108 -12.33 -11.95 -25.81
N LEU A 109 -11.32 -11.35 -25.17
CA LEU A 109 -10.92 -9.98 -25.51
C LEU A 109 -10.14 -9.92 -26.83
N ILE A 110 -9.29 -10.92 -27.06
CA ILE A 110 -8.61 -11.04 -28.34
C ILE A 110 -9.66 -11.15 -29.44
N LYS A 111 -10.58 -12.08 -29.25
CA LYS A 111 -11.69 -12.31 -30.18
C LYS A 111 -12.47 -11.04 -30.51
N GLN A 112 -12.92 -10.33 -29.47
CA GLN A 112 -13.78 -9.17 -29.70
C GLN A 112 -13.03 -7.98 -30.28
N SER A 113 -11.71 -8.02 -30.25
CA SER A 113 -10.92 -6.95 -30.85
C SER A 113 -10.38 -7.38 -32.23
N THR A 114 -10.84 -8.53 -32.72
CA THR A 114 -10.42 -9.04 -34.03
C THR A 114 -11.50 -8.77 -35.07
N SER A 115 -11.14 -8.08 -36.14
CA SER A 115 -12.10 -7.69 -37.19
C SER A 115 -13.30 -7.00 -36.62
N ASN A 116 -13.06 -6.09 -35.67
CA ASN A 116 -14.12 -5.34 -35.03
C ASN A 116 -14.45 -4.14 -35.92
N PRO A 117 -15.67 -4.09 -36.45
CA PRO A 117 -16.01 -3.11 -37.50
C PRO A 117 -16.12 -1.65 -37.01
N ILE A 118 -16.57 -1.45 -35.77
CA ILE A 118 -16.79 -0.09 -35.26
C ILE A 118 -15.70 0.38 -34.30
N GLN A 119 -15.09 1.52 -34.64
CA GLN A 119 -13.94 2.04 -33.89
C GLN A 119 -14.18 2.22 -32.39
N ASP A 120 -15.32 2.77 -32.01
CA ASP A 120 -15.64 3.00 -30.59
C ASP A 120 -15.72 1.68 -29.81
N LEU A 121 -16.17 0.62 -30.45
CA LEU A 121 -16.24 -0.68 -29.80
C LEU A 121 -14.84 -1.25 -29.61
N ASN A 122 -14.00 -1.14 -30.64
CA ASN A 122 -12.63 -1.61 -30.57
C ASN A 122 -11.93 -0.92 -29.40
N ILE A 123 -12.22 0.37 -29.23
CA ILE A 123 -11.67 1.15 -28.13
C ILE A 123 -12.09 0.60 -26.77
N ARG A 124 -13.38 0.27 -26.64
CA ARG A 124 -13.88 -0.35 -25.41
C ARG A 124 -13.23 -1.69 -25.10
N VAL A 125 -13.04 -2.52 -26.11
CA VAL A 125 -12.41 -3.82 -25.90
C VAL A 125 -10.97 -3.62 -25.43
N TRP A 126 -10.27 -2.64 -26.01
CA TRP A 126 -8.88 -2.40 -25.63
C TRP A 126 -8.75 -1.82 -24.21
N GLU A 127 -9.75 -1.05 -23.78
CA GLU A 127 -9.85 -0.65 -22.38
C GLU A 127 -9.98 -1.87 -21.45
N LEU A 128 -10.84 -2.83 -21.84
CA LEU A 128 -10.98 -4.09 -21.12
C LEU A 128 -9.67 -4.87 -21.08
N ILE A 129 -8.98 -4.93 -22.21
CA ILE A 129 -7.69 -5.59 -22.27
C ILE A 129 -6.74 -4.97 -21.24
N HIS A 130 -6.74 -3.64 -21.20
CA HIS A 130 -5.86 -2.91 -20.31
C HIS A 130 -6.24 -3.13 -18.83
N PHE A 131 -7.55 -3.12 -18.53
CA PHE A 131 -8.02 -3.41 -17.15
C PHE A 131 -7.52 -4.79 -16.75
N THR A 132 -7.60 -5.74 -17.68
CA THR A 132 -7.29 -7.13 -17.37
C THR A 132 -5.80 -7.30 -17.16
N CYS A 133 -4.99 -6.73 -18.05
CA CYS A 133 -3.54 -6.75 -17.91
C CYS A 133 -3.08 -6.14 -16.57
N SER A 134 -3.84 -5.16 -16.09
CA SER A 134 -3.53 -4.46 -14.83
C SER A 134 -3.92 -5.27 -13.59
N THR A 135 -4.55 -6.42 -13.81
CA THR A 135 -5.08 -7.24 -12.70
C THR A 135 -4.43 -8.63 -12.58
N PHE A 136 -4.31 -9.35 -13.70
CA PHE A 136 -3.65 -10.66 -13.71
C PHE A 136 -3.20 -10.97 -15.14
N PRO A 137 -2.15 -11.79 -15.27
CA PRO A 137 -1.66 -12.09 -16.61
C PRO A 137 -2.30 -13.36 -17.17
N PRO A 138 -2.17 -13.57 -18.50
CA PRO A 138 -2.53 -14.87 -19.05
C PRO A 138 -1.65 -15.93 -18.41
N THR A 139 -2.08 -17.19 -18.41
CA THR A 139 -1.23 -18.26 -17.92
C THR A 139 -0.09 -18.49 -18.91
N ARG A 140 0.89 -19.28 -18.51
CA ARG A 140 2.06 -19.56 -19.33
C ARG A 140 1.69 -20.19 -20.68
N LYS A 141 0.51 -20.80 -20.74
CA LYS A 141 0.07 -21.47 -21.97
C LYS A 141 -0.39 -20.49 -23.04
N LEU A 142 -0.75 -19.28 -22.63
CA LEU A 142 -1.30 -18.32 -23.56
C LEU A 142 -0.47 -17.04 -23.69
N ILE A 143 0.37 -16.77 -22.69
CA ILE A 143 0.97 -15.45 -22.60
C ILE A 143 1.82 -15.03 -23.81
N LYS A 144 2.53 -15.97 -24.43
CA LYS A 144 3.33 -15.62 -25.61
C LYS A 144 2.46 -15.25 -26.80
N TYR A 145 1.33 -15.94 -26.97
CA TYR A 145 0.41 -15.64 -28.05
C TYR A 145 -0.19 -14.27 -27.82
N PHE A 146 -0.53 -13.97 -26.57
CA PHE A 146 -1.16 -12.70 -26.28
C PHE A 146 -0.14 -11.59 -26.42
N ALA A 147 1.08 -11.85 -25.97
CA ALA A 147 2.14 -10.84 -26.11
C ALA A 147 2.42 -10.55 -27.58
N ALA A 148 2.37 -11.58 -28.42
CA ALA A 148 2.58 -11.35 -29.86
C ALA A 148 1.48 -10.46 -30.41
N TYR A 149 0.27 -10.71 -29.93
CA TYR A 149 -0.89 -9.94 -30.36
C TYR A 149 -0.75 -8.46 -29.99
N LEU A 150 -0.26 -8.19 -28.77
CA LEU A 150 -0.02 -6.83 -28.31
C LEU A 150 1.01 -6.11 -29.19
N LYS A 151 2.15 -6.75 -29.38
CA LYS A 151 3.25 -6.10 -30.09
C LYS A 151 2.88 -5.85 -31.54
N THR A 152 2.23 -6.83 -32.17
CA THR A 152 1.75 -6.62 -33.53
C THR A 152 0.83 -5.42 -33.58
N THR A 153 -0.04 -5.30 -32.58
CA THR A 153 -0.97 -4.17 -32.55
C THR A 153 -0.22 -2.85 -32.39
N ILE A 154 0.80 -2.85 -31.53
CA ILE A 154 1.59 -1.66 -31.27
C ILE A 154 2.43 -1.25 -32.49
N GLN A 155 2.94 -2.23 -33.21
CA GLN A 155 3.92 -1.97 -34.27
C GLN A 155 3.30 -1.68 -35.64
N GLN A 156 2.13 -2.22 -35.91
CA GLN A 156 1.52 -2.08 -37.24
C GLN A 156 0.77 -0.76 -37.40
N SER A 157 0.54 -0.37 -38.65
CA SER A 157 -0.27 0.81 -38.93
C SER A 157 -1.72 0.40 -38.72
N ASP A 158 -2.58 1.40 -38.56
CA ASP A 158 -3.96 1.18 -38.10
C ASP A 158 -4.12 1.31 -36.60
N VAL A 159 -5.32 1.02 -36.14
CA VAL A 159 -5.82 1.38 -34.83
C VAL A 159 -5.66 2.86 -34.55
N SER A 160 -6.72 3.44 -34.00
CA SER A 160 -6.70 4.79 -33.51
C SER A 160 -5.56 4.97 -32.52
N LYS A 161 -5.29 6.22 -32.20
CA LYS A 161 -4.32 6.54 -31.16
C LYS A 161 -4.73 5.85 -29.86
N SER A 162 -6.03 5.83 -29.60
CA SER A 162 -6.57 5.27 -28.35
C SER A 162 -6.26 3.79 -28.19
N VAL A 163 -6.52 3.01 -29.24
CA VAL A 163 -6.17 1.60 -29.22
C VAL A 163 -4.67 1.39 -29.05
N LYS A 164 -3.87 2.18 -29.75
CA LYS A 164 -2.43 1.99 -29.66
C LYS A 164 -1.88 2.38 -28.28
N ASP A 165 -2.44 3.41 -27.68
CA ASP A 165 -2.01 3.85 -26.35
C ASP A 165 -2.39 2.76 -25.34
N SER A 166 -3.59 2.22 -25.48
CA SER A 166 -4.05 1.13 -24.61
C SER A 166 -3.19 -0.11 -24.77
N ALA A 167 -2.84 -0.45 -26.01
CA ALA A 167 -2.01 -1.63 -26.24
C ALA A 167 -0.61 -1.45 -25.68
N GLN A 168 -0.02 -0.28 -25.89
CA GLN A 168 1.29 -0.04 -25.31
C GLN A 168 1.25 -0.06 -23.78
N ALA A 169 0.24 0.54 -23.19
CA ALA A 169 0.13 0.58 -21.72
C ALA A 169 -0.15 -0.81 -21.15
N SER A 170 -0.85 -1.65 -21.92
CA SER A 170 -1.14 -3.02 -21.52
C SER A 170 0.12 -3.84 -21.52
N TYR A 171 0.92 -3.73 -22.57
CA TYR A 171 2.16 -4.48 -22.64
C TYR A 171 3.08 -4.08 -21.50
N PHE A 172 3.21 -2.78 -21.28
CA PHE A 172 4.08 -2.28 -20.22
C PHE A 172 3.60 -2.75 -18.83
N ILE A 173 2.31 -2.70 -18.56
CA ILE A 173 1.86 -3.12 -17.21
C ILE A 173 2.09 -4.64 -17.01
N LEU A 174 2.03 -5.42 -18.09
CA LEU A 174 2.35 -6.84 -17.93
C LEU A 174 3.82 -7.00 -17.53
N GLN A 175 4.70 -6.21 -18.14
CA GLN A 175 6.12 -6.22 -17.77
C GLN A 175 6.33 -5.79 -16.30
N ARG A 176 5.65 -4.72 -15.89
CA ARG A 176 5.74 -4.24 -14.51
C ARG A 176 5.32 -5.32 -13.49
N PHE A 177 4.25 -6.04 -13.79
CA PHE A 177 3.80 -7.08 -12.87
C PHE A 177 4.72 -8.31 -12.91
N THR A 178 5.36 -8.54 -14.04
CA THR A 178 6.35 -9.61 -14.09
C THR A 178 7.50 -9.26 -13.16
N LEU A 179 7.84 -7.98 -13.11
CA LEU A 179 8.89 -7.50 -12.21
C LEU A 179 8.43 -7.52 -10.76
N ASN A 180 7.21 -7.02 -10.51
CA ASN A 180 6.79 -6.74 -9.13
C ASN A 180 5.92 -7.80 -8.47
N GLY A 181 5.52 -8.81 -9.23
CA GLY A 181 4.75 -9.91 -8.67
C GLY A 181 3.27 -9.62 -8.68
N ALA A 182 2.48 -10.65 -8.41
CA ALA A 182 1.03 -10.58 -8.45
C ALA A 182 0.45 -9.59 -7.45
N ARG A 183 -0.69 -9.02 -7.80
CA ARG A 183 -1.47 -8.22 -6.86
C ARG A 183 -2.54 -9.07 -6.18
N LYS A 184 -3.23 -8.46 -5.22
CA LYS A 184 -4.15 -9.21 -4.38
C LYS A 184 -5.59 -8.78 -4.51
N GLN A 185 -5.83 -7.65 -5.17
CA GLN A 185 -7.19 -7.12 -5.23
C GLN A 185 -7.56 -6.68 -6.64
N VAL A 186 -8.86 -6.63 -6.89
CA VAL A 186 -9.41 -6.04 -8.11
C VAL A 186 -9.32 -4.50 -8.02
N PRO A 187 -8.90 -3.85 -9.11
CA PRO A 187 -8.83 -2.38 -9.14
C PRO A 187 -10.09 -1.68 -8.62
N SER A 188 -9.89 -0.65 -7.81
CA SER A 188 -10.99 0.24 -7.39
C SER A 188 -11.46 1.06 -8.59
N VAL A 189 -12.60 1.73 -8.45
CA VAL A 189 -13.06 2.62 -9.51
C VAL A 189 -12.05 3.72 -9.85
N THR A 190 -11.38 4.26 -8.84
CA THR A 190 -10.41 5.32 -9.11
C THR A 190 -9.27 4.83 -9.99
N GLU A 191 -8.81 3.62 -9.72
CA GLU A 191 -7.74 3.04 -10.53
C GLU A 191 -8.20 2.74 -11.96
N LEU A 192 -9.40 2.17 -12.09
CA LEU A 192 -9.95 1.86 -13.40
C LEU A 192 -10.11 3.10 -14.27
N GLU A 193 -10.51 4.20 -13.65
CA GLU A 193 -10.62 5.47 -14.36
C GLU A 193 -9.29 5.90 -14.97
N SER A 194 -8.21 5.82 -14.19
CA SER A 194 -6.87 6.09 -14.68
C SER A 194 -6.43 5.12 -15.78
N ILE A 195 -6.62 3.82 -15.55
CA ILE A 195 -6.24 2.82 -16.54
C ILE A 195 -6.96 3.10 -17.86
N LYS A 196 -8.26 3.31 -17.78
CA LYS A 196 -9.08 3.56 -18.97
C LYS A 196 -8.46 4.66 -19.81
N GLU A 197 -8.08 5.76 -19.15
CA GLU A 197 -7.54 6.92 -19.85
C GLU A 197 -6.03 6.86 -20.04
N ASN A 198 -5.43 5.71 -19.78
CA ASN A 198 -4.00 5.53 -19.99
C ASN A 198 -3.14 6.54 -19.25
N ARG A 199 -3.49 6.82 -17.99
CA ARG A 199 -2.70 7.72 -17.16
C ARG A 199 -2.37 7.07 -15.82
N PRO A 200 -1.44 7.66 -15.07
CA PRO A 200 -1.07 7.19 -13.72
C PRO A 200 -2.19 7.40 -12.72
N ILE A 201 -2.18 6.63 -11.63
CA ILE A 201 -3.08 6.89 -10.52
C ILE A 201 -2.36 7.92 -9.64
N PHE A 202 -3.06 8.98 -9.25
CA PHE A 202 -2.50 9.96 -8.33
C PHE A 202 -2.90 9.62 -6.89
N VAL A 203 -1.91 9.45 -6.02
CA VAL A 203 -2.20 9.21 -4.61
C VAL A 203 -1.57 10.30 -3.75
N ARG A 204 -2.23 10.61 -2.65
CA ARG A 204 -1.73 11.59 -1.70
C ARG A 204 -1.17 10.89 -0.49
N ILE A 205 0.07 11.23 -0.12
CA ILE A 205 0.69 10.62 1.06
C ILE A 205 0.93 11.71 2.11
N THR A 206 0.48 11.45 3.33
CA THR A 206 0.68 12.40 4.42
C THR A 206 2.06 12.19 5.07
N ALA A 207 2.83 13.25 5.23
CA ALA A 207 4.10 13.16 5.92
C ALA A 207 3.88 13.36 7.43
N THR A 208 4.91 13.10 8.24
CA THR A 208 4.75 13.19 9.69
C THR A 208 4.46 14.62 10.17
N ASP A 209 4.87 15.62 9.38
CA ASP A 209 4.61 17.00 9.73
C ASP A 209 3.24 17.42 9.23
N GLY A 210 2.47 16.45 8.77
CA GLY A 210 1.11 16.72 8.33
C GLY A 210 1.02 17.21 6.90
N SER A 211 2.16 17.51 6.28
CA SER A 211 2.15 17.98 4.90
C SER A 211 1.69 16.89 3.94
N LEU A 212 1.19 17.32 2.79
CA LEU A 212 0.60 16.42 1.81
C LEU A 212 1.51 16.27 0.58
N LYS A 213 1.99 15.06 0.33
CA LYS A 213 2.83 14.78 -0.83
C LYS A 213 2.06 14.03 -1.90
N GLY A 214 2.28 14.35 -3.16
CA GLY A 214 1.60 13.63 -4.23
C GLY A 214 2.54 12.66 -4.92
N LEU A 215 2.04 11.48 -5.29
CA LEU A 215 2.80 10.57 -6.15
C LEU A 215 1.95 10.10 -7.31
N HIS A 216 2.57 9.98 -8.48
CA HIS A 216 1.92 9.36 -9.62
C HIS A 216 2.43 7.93 -9.73
N ILE A 217 1.51 6.97 -9.63
CA ILE A 217 1.88 5.56 -9.64
C ILE A 217 1.11 4.76 -10.69
N ASP A 218 1.49 3.50 -10.85
CA ASP A 218 0.70 2.60 -11.68
C ASP A 218 0.19 1.40 -10.90
N SER A 219 -0.57 0.54 -11.57
CA SER A 219 -1.20 -0.58 -10.87
C SER A 219 -0.21 -1.50 -10.16
N ALA A 220 1.00 -1.58 -10.67
CA ALA A 220 2.02 -2.51 -10.14
C ALA A 220 2.96 -1.87 -9.11
N THR A 221 2.75 -0.59 -8.82
CA THR A 221 3.66 0.14 -7.93
C THR A 221 3.65 -0.41 -6.51
N THR A 222 4.82 -0.75 -5.99
CA THR A 222 4.91 -1.35 -4.66
C THR A 222 5.14 -0.33 -3.57
N CYS A 223 4.99 -0.77 -2.32
CA CYS A 223 5.30 0.09 -1.20
C CYS A 223 6.78 0.52 -1.23
N GLN A 224 7.66 -0.41 -1.57
CA GLN A 224 9.08 -0.10 -1.64
C GLN A 224 9.42 0.94 -2.72
N GLU A 225 8.85 0.79 -3.91
CA GLU A 225 9.08 1.78 -4.97
C GLU A 225 8.62 3.16 -4.54
N SER A 226 7.43 3.21 -3.97
CA SER A 226 6.86 4.50 -3.57
C SER A 226 7.58 5.12 -2.38
N SER A 227 8.06 4.28 -1.46
CA SER A 227 8.85 4.75 -0.34
C SER A 227 10.18 5.35 -0.83
N ASN A 228 10.81 4.70 -1.81
CA ASN A 228 12.03 5.24 -2.42
C ASN A 228 11.76 6.55 -3.14
N ASP A 229 10.65 6.58 -3.89
CA ASP A 229 10.25 7.78 -4.64
C ASP A 229 10.05 8.96 -3.70
N LEU A 230 9.29 8.74 -2.63
CA LEU A 230 9.04 9.83 -1.67
C LEU A 230 10.33 10.26 -0.97
N SER A 231 11.19 9.32 -0.65
CA SER A 231 12.48 9.67 -0.04
C SER A 231 13.25 10.59 -0.98
N GLN A 232 13.40 10.16 -2.22
CA GLN A 232 14.16 10.96 -3.19
C GLN A 232 13.54 12.35 -3.37
N ARG A 233 12.22 12.39 -3.48
CA ARG A 233 11.52 13.65 -3.67
C ARG A 233 11.58 14.60 -2.45
N SER A 234 11.76 14.03 -1.26
CA SER A 234 11.91 14.83 -0.05
C SER A 234 13.38 15.19 0.19
N ARG A 235 14.24 14.70 -0.70
CA ARG A 235 15.69 14.90 -0.60
C ARG A 235 16.31 14.21 0.61
N MET A 236 15.75 13.08 1.01
CA MET A 236 16.36 12.23 2.02
C MET A 236 17.33 11.30 1.30
N ARG A 237 17.98 10.41 2.03
CA ARG A 237 18.70 9.33 1.38
C ARG A 237 17.70 8.62 0.48
N VAL A 238 18.11 8.26 -0.72
CA VAL A 238 17.13 7.84 -1.72
C VAL A 238 16.62 6.41 -1.51
N ASN A 239 17.34 5.60 -0.74
CA ASN A 239 16.96 4.20 -0.58
C ASN A 239 16.22 4.02 0.73
N SER A 240 14.93 3.69 0.67
CA SER A 240 14.15 3.49 1.89
C SER A 240 14.66 2.32 2.74
N LYS A 241 15.38 1.39 2.11
CA LYS A 241 15.98 0.29 2.87
C LYS A 241 17.08 0.82 3.79
N GLU A 242 17.70 1.94 3.40
CA GLU A 242 18.72 2.58 4.23
C GLU A 242 18.15 3.56 5.25
N ASN A 243 17.27 4.46 4.79
CA ASN A 243 16.71 5.47 5.69
C ASN A 243 15.62 4.91 6.63
N GLY A 244 15.09 3.74 6.30
CA GLY A 244 14.16 3.04 7.17
C GLY A 244 12.71 3.51 7.14
N PHE A 245 12.40 4.42 6.21
CA PHE A 245 11.01 4.90 6.08
C PHE A 245 10.18 3.96 5.20
N THR A 246 8.88 3.89 5.46
CA THR A 246 7.96 3.15 4.60
C THR A 246 6.66 3.91 4.57
N ILE A 247 5.74 3.46 3.73
CA ILE A 247 4.42 4.05 3.67
C ILE A 247 3.48 3.07 4.35
N ILE A 248 2.68 3.57 5.29
CA ILE A 248 1.70 2.73 5.98
C ILE A 248 0.28 3.17 5.64
N GLU A 249 -0.69 2.33 5.97
CA GLU A 249 -2.09 2.69 5.79
C GLU A 249 -2.69 3.11 7.12
N SER A 250 -3.55 4.11 7.08
CA SER A 250 -4.19 4.62 8.28
C SER A 250 -5.69 4.73 8.04
N PHE A 251 -6.45 3.91 8.74
CA PHE A 251 -7.90 3.94 8.64
C PHE A 251 -8.45 4.47 9.95
N ASN A 252 -9.04 5.66 9.91
CA ASN A 252 -9.60 6.26 11.11
C ASN A 252 -8.63 6.20 12.27
N GLY A 253 -7.36 6.52 11.98
CA GLY A 253 -6.34 6.63 13.00
C GLY A 253 -5.62 5.34 13.33
N ILE A 254 -6.16 4.20 12.90
CA ILE A 254 -5.51 2.93 13.14
C ILE A 254 -4.51 2.63 12.02
N GLU A 255 -3.24 2.49 12.37
CA GLU A 255 -2.18 2.23 11.39
C GLU A 255 -1.90 0.76 11.18
N ARG A 256 -1.67 0.36 9.93
CA ARG A 256 -1.25 -0.98 9.60
C ARG A 256 -0.09 -0.95 8.61
N ASP A 257 0.85 -1.86 8.82
CA ASP A 257 2.05 -1.97 8.01
C ASP A 257 1.67 -2.36 6.58
N ILE A 258 2.42 -1.85 5.62
CA ILE A 258 2.29 -2.31 4.23
C ILE A 258 3.62 -2.98 3.85
N ALA A 259 3.57 -4.23 3.42
CA ALA A 259 4.81 -4.93 3.05
C ALA A 259 5.49 -4.30 1.83
N PRO A 260 6.81 -4.45 1.73
CA PRO A 260 7.56 -3.79 0.65
C PRO A 260 7.06 -4.17 -0.73
N THR A 261 6.65 -5.42 -0.93
CA THR A 261 6.21 -5.86 -2.25
C THR A 261 4.70 -5.71 -2.46
N ASP A 262 3.98 -5.28 -1.43
CA ASP A 262 2.55 -5.05 -1.57
C ASP A 262 2.28 -3.83 -2.48
N LYS A 263 1.16 -3.84 -3.18
CA LYS A 263 0.85 -2.80 -4.17
C LYS A 263 -0.03 -1.72 -3.55
N LEU A 264 0.36 -0.46 -3.70
CA LEU A 264 -0.45 0.60 -3.12
C LEU A 264 -1.85 0.63 -3.70
N CYS A 265 -2.00 0.30 -4.98
CA CYS A 265 -3.36 0.24 -5.55
C CYS A 265 -4.26 -0.80 -4.87
N ASP A 266 -3.68 -1.88 -4.36
CA ASP A 266 -4.47 -2.85 -3.60
C ASP A 266 -5.04 -2.20 -2.32
N VAL A 267 -4.29 -1.27 -1.74
CA VAL A 267 -4.79 -0.57 -0.56
C VAL A 267 -6.00 0.28 -0.94
N LEU A 268 -5.92 0.99 -2.07
CA LEU A 268 -7.07 1.75 -2.57
C LEU A 268 -8.33 0.88 -2.75
N SER A 269 -8.15 -0.35 -3.25
CA SER A 269 -9.26 -1.29 -3.36
C SER A 269 -9.88 -1.59 -1.99
N LYS A 270 -9.03 -1.78 -0.99
CA LYS A 270 -9.52 -2.05 0.37
C LYS A 270 -10.32 -0.90 0.94
N VAL A 271 -9.88 0.31 0.63
CA VAL A 271 -10.56 1.52 1.04
C VAL A 271 -11.96 1.58 0.46
N GLU A 272 -12.05 1.30 -0.84
CA GLU A 272 -13.33 1.25 -1.52
C GLU A 272 -14.21 0.14 -0.91
N ASN A 273 -13.61 -1.02 -0.62
CA ASN A 273 -14.35 -2.12 -0.01
C ASN A 273 -14.95 -1.74 1.35
N LEU A 274 -14.16 -1.05 2.17
CA LEU A 274 -14.60 -0.62 3.49
C LEU A 274 -15.72 0.42 3.38
N GLN A 275 -15.56 1.36 2.44
CA GLN A 275 -16.58 2.37 2.21
C GLN A 275 -17.92 1.70 1.89
N ALA A 276 -17.89 0.64 1.09
CA ALA A 276 -19.09 -0.15 0.82
C ALA A 276 -19.57 -0.89 2.08
N THR A 277 -18.64 -1.53 2.78
CA THR A 277 -18.99 -2.31 3.96
C THR A 277 -19.67 -1.45 5.02
N LEU A 278 -19.24 -0.20 5.15
CA LEU A 278 -19.84 0.72 6.11
C LEU A 278 -20.94 1.56 5.44
N SER A 279 -21.12 1.37 4.14
CA SER A 279 -22.08 2.15 3.38
C SER A 279 -21.69 3.62 3.39
N SER A 280 -22.42 4.43 2.64
N ILE A 281 -17.07 8.98 3.85
CA ILE A 281 -17.79 9.50 5.00
C ILE A 281 -17.12 9.06 6.30
N GLN A 282 -17.61 7.96 6.87
CA GLN A 282 -17.01 7.41 8.09
C GLN A 282 -15.64 6.82 7.79
N VAL A 283 -15.21 6.94 6.53
CA VAL A 283 -13.91 6.43 6.11
C VAL A 283 -12.88 7.54 6.05
N ASN A 284 -12.05 7.62 7.09
CA ASN A 284 -10.98 8.59 7.17
C ASN A 284 -9.64 7.91 6.86
N PHE A 285 -9.37 7.69 5.58
CA PHE A 285 -8.17 6.97 5.19
C PHE A 285 -7.04 7.89 4.78
N LYS A 286 -5.82 7.54 5.19
CA LYS A 286 -4.62 8.22 4.70
C LYS A 286 -3.51 7.19 4.47
N PHE A 287 -2.67 7.45 3.48
CA PHE A 287 -1.35 6.84 3.47
C PHE A 287 -0.49 7.75 4.31
N VAL A 288 0.42 7.17 5.08
CA VAL A 288 1.35 7.98 5.86
C VAL A 288 2.79 7.49 5.66
N PHE A 289 3.69 8.46 5.47
CA PHE A 289 5.12 8.20 5.27
C PHE A 289 5.83 8.35 6.63
N LYS A 290 6.25 7.24 7.24
CA LYS A 290 6.79 7.24 8.60
C LYS A 290 8.09 6.49 8.67
N LYS A 291 8.84 6.69 9.75
CA LYS A 291 10.08 5.95 9.93
C LYS A 291 9.82 4.64 10.65
N LYS A 292 10.14 3.54 9.98
CA LYS A 292 9.85 2.22 10.53
C LYS A 292 11.06 1.60 11.20
N LEU A 293 12.22 1.74 10.54
CA LEU A 293 13.42 1.00 10.94
C LEU A 293 14.52 1.97 11.35
N PHE A 294 15.21 1.65 12.44
CA PHE A 294 16.24 2.52 12.96
C PHE A 294 17.61 1.87 12.90
N PHE A 295 18.30 2.08 11.78
CA PHE A 295 19.60 1.45 11.54
C PHE A 295 20.74 2.41 11.88
N ASP A 296 21.80 1.87 12.46
CA ASP A 296 22.97 2.69 12.75
C ASP A 296 23.92 2.66 11.56
N ASN A 297 23.44 3.18 10.44
CA ASN A 297 24.14 3.05 9.16
C ASN A 297 24.53 4.39 8.52
N ILE A 298 24.52 5.46 9.31
CA ILE A 298 24.88 6.76 8.77
C ILE A 298 26.37 6.82 8.46
N THR A 299 26.70 7.37 7.29
CA THR A 299 28.10 7.54 6.87
C THR A 299 28.93 6.25 6.92
N ASN A 300 28.99 5.48 5.83
CA ASN A 300 28.31 5.78 4.55
C ASN A 300 28.37 7.24 4.11
N ASN A 301 29.44 7.93 4.51
CA ASN A 301 29.62 9.37 4.26
C ASN A 301 28.58 10.01 3.33
N VAL A 302 27.36 10.17 3.87
CA VAL A 302 26.23 10.70 3.13
C VAL A 302 26.02 12.16 3.51
N PRO A 303 25.46 12.96 2.58
CA PRO A 303 25.15 14.33 2.97
C PRO A 303 24.43 14.37 4.31
N THR A 304 24.96 15.18 5.23
CA THR A 304 24.29 15.42 6.49
C THR A 304 22.97 16.12 6.19
N THR A 305 22.92 16.83 5.06
CA THR A 305 21.70 17.54 4.68
C THR A 305 20.52 16.57 4.53
N SER A 306 20.76 15.43 3.91
CA SER A 306 19.72 14.42 3.78
C SER A 306 19.35 13.84 5.15
N ILE A 307 20.36 13.40 5.90
CA ILE A 307 20.14 12.85 7.24
C ILE A 307 19.29 13.80 8.07
N ASN A 308 19.49 15.09 7.86
CA ASN A 308 18.73 16.11 8.57
C ASN A 308 17.25 16.20 8.22
N VAL A 309 16.90 16.04 6.94
CA VAL A 309 15.48 15.99 6.57
C VAL A 309 14.80 14.78 7.22
N GLU A 310 15.49 13.65 7.20
CA GLU A 310 14.99 12.43 7.82
C GLU A 310 14.72 12.65 9.31
N ASN A 311 15.66 13.27 10.00
CA ASN A 311 15.56 13.45 11.44
C ASN A 311 14.42 14.37 11.83
N GLU A 312 14.18 15.43 11.05
CA GLU A 312 13.03 16.31 11.30
C GLU A 312 11.69 15.60 11.13
N PHE A 313 11.56 14.79 10.08
CA PHE A 313 10.33 13.99 9.94
C PHE A 313 10.19 13.13 11.20
N TYR A 314 11.29 12.50 11.61
CA TYR A 314 11.22 11.62 12.76
C TYR A 314 10.82 12.32 14.07
N TYR A 315 11.38 13.50 14.34
CA TYR A 315 11.02 14.23 15.57
C TYR A 315 9.51 14.44 15.66
N HIS A 316 8.87 14.76 14.55
CA HIS A 316 7.42 14.94 14.55
C HIS A 316 6.71 13.66 14.93
N GLN A 317 7.22 12.55 14.39
CA GLN A 317 6.66 11.22 14.66
C GLN A 317 6.81 10.84 16.14
N LEU A 318 8.02 10.99 16.67
CA LEU A 318 8.29 10.67 18.07
C LEU A 318 7.48 11.54 19.03
N PHE A 319 7.42 12.83 18.75
CA PHE A 319 6.61 13.74 19.54
C PHE A 319 5.18 13.24 19.59
N ASN A 320 4.63 12.91 18.43
CA ASN A 320 3.26 12.42 18.37
C ASN A 320 3.07 11.08 19.09
N ASP A 321 4.05 10.20 19.00
CA ASP A 321 3.96 8.94 19.70
C ASP A 321 4.01 9.16 21.22
N LEU A 322 4.80 10.12 21.67
CA LEU A 322 4.93 10.39 23.11
C LEU A 322 3.69 11.10 23.66
N PHE A 323 2.80 11.51 22.76
CA PHE A 323 1.51 12.06 23.14
C PHE A 323 0.42 10.98 23.10
N ASN A 324 0.85 9.76 22.77
CA ASN A 324 -0.05 8.61 22.68
C ASN A 324 0.00 7.85 24.01
N SER A 325 -1.13 7.72 24.70
CA SER A 325 -1.13 7.09 26.02
C SER A 325 -0.63 5.63 26.00
N ASN A 326 -0.71 4.97 24.85
CA ASN A 326 -0.18 3.60 24.74
C ASN A 326 1.32 3.55 24.86
N TYR A 327 1.98 4.70 24.65
CA TYR A 327 3.43 4.77 24.69
C TYR A 327 3.96 5.60 25.86
N CYS A 328 3.20 6.61 26.27
CA CYS A 328 3.65 7.53 27.31
C CYS A 328 2.47 8.04 28.14
N LYS A 329 2.59 7.96 29.46
CA LYS A 329 1.53 8.43 30.34
C LYS A 329 2.03 9.56 31.27
N ASP A 330 3.27 9.95 31.09
CA ASP A 330 3.90 10.95 31.94
C ASP A 330 3.51 12.37 31.55
N GLN A 331 2.58 12.96 32.30
CA GLN A 331 2.07 14.29 31.97
C GLN A 331 3.14 15.37 32.09
N ASP A 332 3.99 15.25 33.11
CA ASP A 332 5.08 16.21 33.29
C ASP A 332 5.93 16.26 32.02
N TYR A 333 6.30 15.08 31.52
CA TYR A 333 7.12 15.01 30.32
C TYR A 333 6.42 15.61 29.12
N GLN A 334 5.17 15.22 28.91
CA GLN A 334 4.40 15.73 27.78
C GLN A 334 4.32 17.24 27.87
N ILE A 335 4.13 17.73 29.09
CA ILE A 335 4.07 19.17 29.32
C ILE A 335 5.37 19.84 28.91
N SER A 336 6.50 19.24 29.24
CA SER A 336 7.78 19.84 28.94
C SER A 336 8.06 19.95 27.43
N ILE A 337 7.79 18.88 26.67
CA ILE A 337 7.96 18.96 25.22
C ILE A 337 6.92 19.83 24.53
N GLY A 338 5.66 19.73 24.96
CA GLY A 338 4.59 20.48 24.35
C GLY A 338 4.69 21.99 24.61
N SER A 339 5.19 22.35 25.78
CA SER A 339 5.35 23.77 26.13
C SER A 339 6.47 24.41 25.32
N LEU A 340 7.54 23.67 25.07
CA LEU A 340 8.62 24.14 24.22
C LEU A 340 8.15 24.30 22.77
N LYS A 341 7.35 23.35 22.30
CA LYS A 341 6.81 23.41 20.94
C LYS A 341 5.94 24.66 20.77
N LEU A 342 5.19 25.00 21.80
CA LEU A 342 4.34 26.18 21.75
C LEU A 342 5.17 27.46 21.71
N GLN A 343 6.25 27.49 22.49
CA GLN A 343 7.13 28.66 22.50
C GLN A 343 7.78 28.83 21.14
N PHE A 344 8.05 27.71 20.48
CA PHE A 344 8.67 27.72 19.15
C PHE A 344 7.70 28.25 18.11
N GLU A 345 6.50 27.68 18.07
CA GLU A 345 5.52 28.04 17.05
C GLU A 345 4.82 29.37 17.27
N SER A 346 4.62 29.76 18.54
CA SER A 346 3.77 30.91 18.83
C SER A 346 4.49 32.00 19.60
N SER A 347 5.72 31.72 20.03
CA SER A 347 6.49 32.67 20.79
C SER A 347 5.85 32.93 22.16
N ASP A 348 6.29 33.99 22.83
CA ASP A 348 5.87 34.32 24.20
C ASP A 348 4.38 34.21 24.48
N TYR A 349 4.04 33.85 25.72
CA TYR A 349 2.64 33.77 26.16
C TYR A 349 1.88 35.08 25.98
N THR A 350 0.61 34.96 25.60
CA THR A 350 -0.32 36.09 25.68
C THR A 350 -1.66 35.55 26.16
N ASP A 351 -2.44 36.40 26.84
CA ASP A 351 -3.76 35.99 27.30
C ASP A 351 -4.61 35.57 26.09
N GLU A 352 -4.25 36.08 24.92
CA GLU A 352 -4.94 35.72 23.68
C GLU A 352 -4.58 34.29 23.28
N ILE A 353 -3.33 33.90 23.51
CA ILE A 353 -2.89 32.54 23.23
C ILE A 353 -3.57 31.58 24.20
N ARG A 354 -3.50 31.91 25.49
CA ARG A 354 -4.13 31.11 26.54
C ARG A 354 -5.62 30.86 26.25
N ALA A 355 -6.30 31.89 25.75
CA ALA A 355 -7.72 31.78 25.45
C ALA A 355 -7.95 30.98 24.19
N TRP A 356 -6.89 30.80 23.40
CA TRP A 356 -6.98 30.06 22.15
C TRP A 356 -6.70 28.56 22.33
N LEU A 357 -5.98 28.23 23.39
CA LEU A 357 -5.51 26.87 23.56
C LEU A 357 -6.59 25.78 23.66
N PRO A 358 -7.48 25.86 24.66
CA PRO A 358 -8.47 24.80 24.87
C PRO A 358 -9.14 24.37 23.57
N GLY A 359 -9.12 23.07 23.29
CA GLY A 359 -9.69 22.55 22.06
C GLY A 359 -8.72 22.60 20.90
N ASN A 360 -8.17 23.79 20.64
CA ASN A 360 -7.25 23.98 19.53
C ASN A 360 -5.90 23.27 19.72
N GLY A 361 -5.33 23.42 20.91
CA GLY A 361 -4.03 22.86 21.20
C GLY A 361 -4.01 21.37 21.48
N ARG A 362 -5.17 20.74 21.40
CA ARG A 362 -5.28 19.32 21.68
C ARG A 362 -4.55 18.49 20.63
N GLY A 363 -3.57 17.71 21.07
CA GLY A 363 -2.80 16.89 20.15
C GLY A 363 -1.62 17.63 19.54
N LYS A 364 -1.61 18.96 19.71
CA LYS A 364 -0.51 19.77 19.19
C LYS A 364 0.46 20.16 20.29
N TYR A 365 -0.05 20.75 21.36
CA TYR A 365 0.82 21.25 22.42
C TYR A 365 0.57 20.54 23.75
N PHE A 366 -0.61 19.93 23.88
CA PHE A 366 -0.89 19.08 25.03
C PHE A 366 -1.90 18.00 24.66
N THR A 367 -2.10 17.06 25.58
CA THR A 367 -3.11 16.01 25.43
C THR A 367 -4.42 16.46 26.04
N THR A 368 -5.53 15.87 25.60
CA THR A 368 -6.84 16.14 26.17
C THR A 368 -6.78 15.97 27.67
N ASP A 369 -6.13 14.90 28.11
CA ASP A 369 -5.96 14.64 29.53
C ASP A 369 -5.37 15.84 30.25
N ILE A 370 -4.43 16.52 29.59
CA ILE A 370 -3.75 17.66 30.20
C ILE A 370 -4.60 18.93 30.12
N GLU A 371 -5.43 19.02 29.08
CA GLU A 371 -6.34 20.15 28.95
C GLU A 371 -7.40 20.12 30.05
N LYS A 372 -7.55 18.96 30.70
CA LYS A 372 -8.61 18.78 31.68
C LYS A 372 -8.08 18.82 33.11
N ASN A 373 -6.90 18.27 33.32
CA ASN A 373 -6.38 18.10 34.67
C ASN A 373 -5.15 18.94 35.01
N ARG A 374 -4.52 19.54 34.02
CA ARG A 374 -3.31 20.31 34.29
C ARG A 374 -3.09 21.51 33.37
N PHE A 375 -4.18 22.03 32.80
CA PHE A 375 -4.08 23.23 31.98
C PHE A 375 -3.17 24.26 32.63
N ASP A 376 -3.52 24.67 33.85
CA ASP A 376 -2.75 25.70 34.56
C ASP A 376 -1.28 25.33 34.69
N ASP A 377 -1.02 24.05 34.94
CA ASP A 377 0.34 23.54 35.02
C ASP A 377 1.06 23.71 33.68
N PHE A 378 0.30 23.62 32.60
CA PHE A 378 0.85 23.78 31.26
C PHE A 378 1.09 25.25 30.99
N ILE A 379 0.00 26.02 31.07
CA ILE A 379 0.08 27.47 30.87
C ILE A 379 1.21 28.05 31.68
N ASN A 380 1.52 27.42 32.81
CA ASN A 380 2.59 27.88 33.67
C ASN A 380 3.97 27.49 33.14
N LYS A 381 4.10 26.27 32.62
CA LYS A 381 5.37 25.83 32.07
C LYS A 381 5.67 26.65 30.82
N TYR A 382 4.62 27.01 30.09
CA TYR A 382 4.74 27.79 28.86
C TYR A 382 5.20 29.20 29.18
N LYS A 383 4.49 29.87 30.09
CA LYS A 383 4.87 31.20 30.56
C LYS A 383 6.34 31.22 30.97
N SER A 384 6.79 30.09 31.52
CA SER A 384 8.16 29.94 32.02
C SER A 384 9.27 30.11 30.98
N HIS A 385 8.94 29.97 29.70
CA HIS A 385 9.98 29.93 28.66
C HIS A 385 10.41 31.29 28.10
N LYS A 386 10.78 32.21 28.99
CA LYS A 386 11.22 33.55 28.58
C LYS A 386 10.21 34.08 27.54
N GLY A 387 10.62 34.70 26.42
CA GLY A 387 11.97 35.09 26.09
C GLY A 387 12.78 34.10 25.26
N LEU A 388 12.32 32.85 25.18
CA LEU A 388 13.04 31.82 24.46
C LEU A 388 12.94 31.99 22.95
N SER A 389 14.08 32.03 22.30
CA SER A 389 14.14 32.14 20.85
C SER A 389 13.64 30.85 20.21
N PRO A 390 13.10 30.94 18.98
CA PRO A 390 12.74 29.70 18.28
C PRO A 390 13.87 28.67 18.30
N GLU A 391 15.10 29.12 18.06
CA GLU A 391 16.25 28.22 18.04
C GLU A 391 16.41 27.45 19.35
N ASP A 392 16.43 28.17 20.46
CA ASP A 392 16.61 27.56 21.77
C ASP A 392 15.44 26.66 22.12
N ALA A 393 14.23 27.16 21.93
CA ALA A 393 13.04 26.37 22.21
C ALA A 393 13.09 25.04 21.46
N LYS A 394 13.35 25.09 20.16
CA LYS A 394 13.45 23.87 19.36
C LYS A 394 14.57 22.95 19.83
N LYS A 395 15.74 23.50 20.11
CA LYS A 395 16.86 22.68 20.57
C LYS A 395 16.56 21.95 21.88
N GLN A 396 15.89 22.63 22.80
CA GLN A 396 15.54 22.01 24.07
C GLN A 396 14.54 20.87 23.88
N MET A 397 13.53 21.09 23.03
CA MET A 397 12.54 20.06 22.71
C MET A 397 13.20 18.82 22.12
N VAL A 398 14.05 19.02 21.12
CA VAL A 398 14.74 17.91 20.47
C VAL A 398 15.59 17.12 21.48
N GLN A 399 16.20 17.83 22.42
CA GLN A 399 16.98 17.18 23.47
C GLN A 399 16.09 16.28 24.32
N LEU A 400 14.95 16.81 24.75
CA LEU A 400 14.01 16.05 25.57
C LEU A 400 13.48 14.82 24.84
N LEU A 401 13.26 14.99 23.53
CA LEU A 401 12.79 13.90 22.69
C LEU A 401 13.87 12.83 22.56
N GLU A 402 15.09 13.27 22.25
CA GLU A 402 16.19 12.35 21.98
C GLU A 402 16.61 11.52 23.20
N LYS A 403 16.28 11.99 24.40
CA LYS A 403 16.69 11.30 25.62
C LYS A 403 15.59 10.41 26.21
N HIS A 404 14.41 10.43 25.60
CA HIS A 404 13.34 9.54 26.04
C HIS A 404 13.69 8.09 25.73
N PRO A 405 13.35 7.16 26.66
CA PRO A 405 13.65 5.74 26.47
C PRO A 405 13.22 5.19 25.09
N LEU A 406 12.15 5.73 24.53
CA LEU A 406 11.60 5.19 23.27
C LEU A 406 12.17 5.84 22.02
N ALA A 407 13.05 6.82 22.18
CA ALA A 407 13.71 7.43 21.03
C ALA A 407 14.49 6.41 20.23
N ASN A 408 14.40 6.49 18.90
CA ASN A 408 15.20 5.64 18.03
C ASN A 408 14.83 4.15 18.11
N CYS A 409 13.57 3.88 18.43
CA CYS A 409 13.05 2.52 18.48
C CYS A 409 11.82 2.36 17.59
N SER A 410 11.66 1.20 16.98
CA SER A 410 10.43 0.85 16.28
C SER A 410 9.43 0.38 17.34
N LEU A 411 8.28 1.03 17.41
CA LEU A 411 7.35 0.84 18.52
C LEU A 411 6.17 -0.03 18.13
N VAL A 412 5.79 -0.94 19.03
CA VAL A 412 4.64 -1.81 18.82
C VAL A 412 3.88 -1.97 20.13
N VAL A 413 2.59 -1.64 20.11
CA VAL A 413 1.74 -1.79 21.31
C VAL A 413 1.28 -3.24 21.41
N CYS A 414 1.52 -3.86 22.58
CA CYS A 414 1.19 -5.26 22.76
C CYS A 414 0.47 -5.55 24.07
N GLU A 415 -0.04 -6.76 24.16
CA GLU A 415 -0.52 -7.28 25.43
C GLU A 415 -0.26 -8.78 25.48
N HIS A 416 -0.28 -9.36 26.67
CA HIS A 416 -0.08 -10.80 26.80
C HIS A 416 -1.10 -11.35 27.80
N GLN A 417 -1.26 -12.66 27.77
CA GLN A 417 -2.23 -13.33 28.62
C GLN A 417 -1.58 -14.44 29.43
N SER A 418 -0.29 -14.32 29.72
CA SER A 418 0.41 -15.42 30.37
C SER A 418 0.27 -15.33 31.88
N GLU A 419 0.22 -16.49 32.52
CA GLU A 419 0.11 -16.55 33.97
C GLU A 419 1.44 -16.89 34.62
N SER A 420 2.49 -16.99 33.80
CA SER A 420 3.80 -17.37 34.30
C SER A 420 4.91 -16.50 33.72
N LEU A 421 4.53 -15.32 33.25
CA LEU A 421 5.50 -14.29 32.89
C LEU A 421 5.32 -13.08 33.79
N PRO A 422 6.42 -12.40 34.12
CA PRO A 422 6.43 -11.29 35.09
C PRO A 422 5.89 -9.95 34.60
N TYR A 423 5.83 -9.74 33.28
CA TYR A 423 5.46 -8.43 32.75
C TYR A 423 4.00 -8.09 32.96
N PRO A 424 3.68 -6.79 33.03
CA PRO A 424 2.31 -6.30 33.03
C PRO A 424 1.59 -6.73 31.75
N LYS A 425 0.27 -6.81 31.81
CA LYS A 425 -0.54 -7.29 30.70
C LYS A 425 -0.35 -6.42 29.46
N ASN A 426 -0.27 -5.12 29.68
CA ASN A 426 -0.07 -4.18 28.60
C ASN A 426 1.36 -3.67 28.61
N PHE A 427 2.04 -3.80 27.48
CA PHE A 427 3.41 -3.36 27.39
C PHE A 427 3.70 -2.86 25.96
N VAL A 428 4.91 -2.38 25.76
CA VAL A 428 5.33 -1.90 24.44
C VAL A 428 6.53 -2.74 24.06
N LEU A 429 6.58 -3.20 22.83
CA LEU A 429 7.84 -3.74 22.31
C LEU A 429 8.55 -2.60 21.59
N ALA A 430 9.75 -2.28 22.04
CA ALA A 430 10.56 -1.25 21.40
C ALA A 430 11.75 -1.94 20.74
N LEU A 431 11.73 -2.02 19.42
CA LEU A 431 12.78 -2.76 18.71
C LEU A 431 13.84 -1.82 18.11
N ASN A 432 15.10 -2.15 18.32
CA ASN A 432 16.20 -1.41 17.73
C ASN A 432 17.34 -2.39 17.45
N VAL A 433 18.50 -1.89 17.05
CA VAL A 433 19.60 -2.79 16.72
C VAL A 433 20.12 -3.56 17.94
N ASN A 434 19.77 -3.09 19.14
CA ASN A 434 20.22 -3.73 20.37
C ASN A 434 19.35 -4.88 20.87
N GLY A 435 18.18 -5.05 20.26
CA GLY A 435 17.28 -6.11 20.68
C GLY A 435 15.80 -5.77 20.68
N ILE A 436 15.00 -6.75 21.10
CA ILE A 436 13.57 -6.59 21.27
C ILE A 436 13.29 -6.22 22.71
N ASN A 437 13.00 -4.96 22.95
CA ASN A 437 12.89 -4.45 24.30
C ASN A 437 11.45 -4.38 24.82
N ILE A 438 11.23 -5.01 25.97
CA ILE A 438 9.95 -4.93 26.63
C ILE A 438 9.95 -3.71 27.52
N TYR A 439 9.00 -2.82 27.27
CA TYR A 439 8.95 -1.53 27.91
C TYR A 439 7.60 -1.33 28.57
N ASP A 440 7.61 -0.75 29.76
CA ASP A 440 6.35 -0.52 30.46
C ASP A 440 5.99 0.95 30.39
N PRO A 441 4.96 1.28 29.61
CA PRO A 441 4.58 2.69 29.41
C PRO A 441 3.99 3.32 30.68
N ALA A 442 3.55 2.49 31.63
CA ALA A 442 2.99 2.98 32.88
C ALA A 442 4.05 3.56 33.80
N THR A 443 5.26 3.03 33.73
CA THR A 443 6.36 3.45 34.60
C THR A 443 7.52 4.06 33.82
N SER A 444 7.40 4.09 32.50
CA SER A 444 8.47 4.55 31.63
C SER A 444 9.79 3.83 31.84
N LYS A 445 9.73 2.52 32.03
CA LYS A 445 10.94 1.74 32.25
C LYS A 445 11.04 0.51 31.35
N MET A 446 12.23 0.25 30.87
CA MET A 446 12.54 -0.99 30.18
C MET A 446 12.57 -2.14 31.17
N LEU A 447 12.01 -3.28 30.78
CA LEU A 447 11.91 -4.42 31.69
C LEU A 447 12.84 -5.55 31.30
N GLU A 448 13.08 -5.72 30.01
CA GLU A 448 13.88 -6.83 29.51
C GLU A 448 14.32 -6.56 28.09
N SER A 449 15.51 -7.04 27.74
CA SER A 449 15.99 -6.95 26.36
C SER A 449 16.07 -8.33 25.75
N VAL A 450 15.11 -8.64 24.89
CA VAL A 450 15.04 -9.94 24.25
C VAL A 450 15.94 -10.00 23.03
N LYS A 451 16.66 -11.10 22.87
CA LYS A 451 17.69 -11.20 21.83
C LYS A 451 17.16 -11.70 20.48
N TYR A 452 17.56 -11.03 19.40
CA TYR A 452 17.27 -11.53 18.06
C TYR A 452 17.91 -12.90 17.87
N SER A 453 19.04 -13.12 18.54
CA SER A 453 19.77 -14.39 18.37
C SER A 453 19.02 -15.58 18.96
N ASN A 454 18.02 -15.30 19.80
CA ASN A 454 17.20 -16.37 20.34
C ASN A 454 15.98 -16.75 19.49
N GLN A 455 15.71 -15.97 18.46
CA GLN A 455 14.53 -16.24 17.62
C GLN A 455 14.80 -17.22 16.50
N SER A 456 13.80 -18.03 16.18
CA SER A 456 13.84 -18.93 15.03
C SER A 456 14.04 -18.11 13.76
N GLN A 457 15.02 -18.50 12.95
CA GLN A 457 15.37 -17.70 11.79
C GLN A 457 14.45 -17.90 10.59
N GLN A 458 14.03 -19.14 10.38
CA GLN A 458 13.12 -19.44 9.27
C GLN A 458 11.77 -19.95 9.76
N ASN A 459 11.55 -19.94 11.06
CA ASN A 459 10.30 -20.43 11.63
C ASN A 459 9.79 -19.60 12.81
N LEU A 460 9.90 -18.28 12.70
CA LEU A 460 9.29 -17.40 13.68
C LEU A 460 7.78 -17.69 13.72
N LYS A 461 7.28 -18.01 14.91
CA LYS A 461 5.87 -18.37 15.08
C LYS A 461 4.99 -17.14 15.25
N SER A 462 3.97 -17.03 14.41
CA SER A 462 3.00 -15.96 14.53
C SER A 462 1.63 -16.43 14.04
N ASP A 463 0.58 -15.71 14.40
CA ASP A 463 -0.73 -16.00 13.85
C ASP A 463 -1.44 -14.69 13.47
N ASP A 464 -2.77 -14.71 13.41
CA ASP A 464 -3.51 -13.52 13.00
C ASP A 464 -3.40 -12.39 14.01
N LYS A 465 -3.13 -12.75 15.26
CA LYS A 465 -3.22 -11.78 16.35
C LYS A 465 -1.98 -11.66 17.23
N SER A 466 -0.96 -12.47 16.98
CA SER A 466 0.18 -12.48 17.90
C SER A 466 1.46 -12.90 17.21
N VAL A 467 2.58 -12.63 17.89
CA VAL A 467 3.87 -13.19 17.50
C VAL A 467 4.46 -13.82 18.75
N SER A 468 4.99 -15.02 18.59
CA SER A 468 5.58 -15.75 19.71
C SER A 468 7.09 -15.58 19.72
N ILE A 469 7.57 -14.90 20.74
CA ILE A 469 8.97 -14.53 20.82
C ILE A 469 9.64 -15.36 21.92
N ILE A 470 10.82 -15.89 21.63
CA ILE A 470 11.49 -16.77 22.56
C ILE A 470 12.39 -15.99 23.50
N LEU A 471 12.20 -16.22 24.81
CA LEU A 471 13.04 -15.58 25.82
C LEU A 471 14.31 -16.39 26.09
N GLU A 472 15.23 -15.81 26.85
CA GLU A 472 16.52 -16.44 27.08
C GLU A 472 16.39 -17.81 27.79
N ASN A 473 15.33 -17.95 28.60
CA ASN A 473 15.12 -19.21 29.34
C ASN A 473 14.34 -20.25 28.56
N LYS A 474 14.18 -19.99 27.27
CA LYS A 474 13.50 -20.90 26.36
C LYS A 474 11.97 -20.85 26.45
N SER A 475 11.42 -20.04 27.35
CA SER A 475 9.96 -19.90 27.39
C SER A 475 9.51 -18.93 26.30
N THR A 476 8.20 -18.90 26.05
CA THR A 476 7.64 -18.11 24.95
C THR A 476 6.79 -16.96 25.48
N LEU A 477 6.98 -15.78 24.93
CA LEU A 477 6.09 -14.67 25.19
C LEU A 477 5.20 -14.56 23.96
N GLN A 478 3.91 -14.81 24.13
CA GLN A 478 2.99 -14.68 23.01
C GLN A 478 2.45 -13.28 23.06
N ALA A 479 3.07 -12.40 22.27
CA ALA A 479 2.72 -10.99 22.25
C ALA A 479 1.57 -10.74 21.28
N PHE A 480 0.41 -10.39 21.84
CA PHE A 480 -0.74 -10.01 21.03
C PHE A 480 -0.62 -8.56 20.61
N THR A 481 -0.95 -8.29 19.36
CA THR A 481 -0.82 -6.94 18.83
C THR A 481 -1.74 -6.80 17.64
N GLY A 482 -2.25 -5.59 17.41
CA GLY A 482 -3.14 -5.37 16.30
C GLY A 482 -2.46 -5.44 14.94
N ASP A 483 -1.17 -5.11 14.90
CA ASP A 483 -0.44 -5.07 13.63
C ASP A 483 0.63 -6.13 13.60
N VAL A 484 0.21 -7.40 13.50
CA VAL A 484 1.13 -8.53 13.54
C VAL A 484 2.19 -8.44 12.44
N GLN A 485 1.80 -8.04 11.24
CA GLN A 485 2.77 -7.97 10.15
C GLN A 485 3.91 -7.01 10.45
N LYS A 486 3.60 -5.89 11.10
CA LYS A 486 4.63 -4.93 11.49
CA LYS A 486 4.63 -4.93 11.49
C LYS A 486 5.64 -5.59 12.43
N LEU A 487 5.14 -6.28 13.45
CA LEU A 487 6.03 -6.91 14.42
C LEU A 487 6.90 -7.98 13.77
N VAL A 488 6.28 -8.87 12.99
CA VAL A 488 7.04 -9.91 12.28
C VAL A 488 8.10 -9.31 11.36
N SER A 489 7.73 -8.32 10.55
CA SER A 489 8.68 -7.75 9.61
C SER A 489 9.80 -6.98 10.31
N LEU A 490 9.49 -6.35 11.43
CA LEU A 490 10.53 -5.66 12.20
C LEU A 490 11.56 -6.68 12.69
N ILE A 491 11.09 -7.79 13.22
CA ILE A 491 12.01 -8.80 13.72
C ILE A 491 12.89 -9.29 12.57
N LYS A 492 12.26 -9.62 11.45
CA LYS A 492 13.01 -10.11 10.29
C LYS A 492 13.99 -9.07 9.73
N GLU A 493 13.56 -7.82 9.63
CA GLU A 493 14.42 -6.78 9.07
C GLU A 493 15.61 -6.39 9.96
N TYR A 494 15.38 -6.27 11.27
CA TYR A 494 16.51 -6.02 12.17
C TYR A 494 17.48 -7.21 12.13
N SER A 495 16.93 -8.42 12.12
CA SER A 495 17.78 -9.61 12.11
C SER A 495 18.67 -9.65 10.85
N LEU A 496 18.07 -9.38 9.70
CA LEU A 496 18.81 -9.38 8.44
C LEU A 496 19.88 -8.29 8.43
N TYR A 497 19.50 -7.08 8.80
CA TYR A 497 20.44 -5.99 8.92
C TYR A 497 21.64 -6.40 9.77
N LEU A 498 21.37 -6.90 10.97
CA LEU A 498 22.43 -7.29 11.90
C LEU A 498 23.31 -8.41 11.33
N ARG A 499 22.68 -9.34 10.63
CA ARG A 499 23.40 -10.43 9.99
C ARG A 499 24.44 -9.87 9.00
N ASN A 500 24.08 -8.82 8.27
CA ASN A 500 24.96 -8.26 7.24
C ASN A 500 25.90 -7.16 7.75
#